data_3T70
#
_entry.id   3T70
#
_cell.length_a   76.750
_cell.length_b   76.750
_cell.length_c   105.830
_cell.angle_alpha   90.00
_cell.angle_beta   90.00
_cell.angle_gamma   90.00
#
_symmetry.space_group_name_H-M   'P 41'
#
loop_
_entity.id
_entity.type
_entity.pdbx_description
1 polymer "Deoxyuridine 5'-triphosphate nucleotidohydrolase, putative"
2 polymer 'PEPTIDE GLY-HIS-GLY'
3 non-polymer "2',5'-dideoxy-5'-[(diphenylmethyl)(methyl)amino]uridine"
4 non-polymer 'SULFATE ION'
5 water water
#
loop_
_entity_poly.entity_id
_entity_poly.type
_entity_poly.pdbx_seq_one_letter_code
_entity_poly.pdbx_strand_id
1 'polypeptide(L)'
;MHLKIVCLSDEVREMYKNHKTHHEGDSGLDLFIVKDEVLKPKSTTFVKLGIKAIALQYKSNYYYKCEKSENKKKDDDKSN
IVNTSFLLFPRSSISKTPLRLANSIGLIDAGYRGEIIAALDNTSDQEYHIKKNDKLVQLVSFTGEPLSFELVEELDETSR
GEGGFGSTSNNKYEAHHHHHH
;
A,B,C
2 'polypeptide(L)' GHG F
#
loop_
_chem_comp.id
_chem_comp.type
_chem_comp.name
_chem_comp.formula
DU4 non-polymer 2',5'-dideoxy-5'-[(diphenylmethyl)(methyl)amino]uridine 'C23 H25 N3 O4'
SO4 non-polymer 'SULFATE ION' 'O4 S -2'
#
# COMPACT_ATOMS: atom_id res chain seq x y z
N MET A 1 -14.59 -8.08 4.62
CA MET A 1 -13.99 -7.87 5.98
CA MET A 1 -14.00 -7.88 5.98
C MET A 1 -14.93 -7.00 6.80
N HIS A 2 -15.05 -7.31 8.08
CA HIS A 2 -15.94 -6.57 8.95
C HIS A 2 -15.19 -5.90 10.10
N LEU A 3 -15.42 -4.60 10.26
CA LEU A 3 -14.75 -3.81 11.30
C LEU A 3 -15.66 -3.54 12.49
N LYS A 4 -15.15 -3.84 13.69
CA LYS A 4 -15.81 -3.39 14.91
C LYS A 4 -15.06 -2.15 15.41
N ILE A 5 -15.79 -1.03 15.47
CA ILE A 5 -15.16 0.25 15.76
C ILE A 5 -15.64 0.82 17.09
N VAL A 6 -14.68 1.18 17.94
CA VAL A 6 -14.97 1.90 19.16
C VAL A 6 -14.69 3.39 18.99
N CYS A 7 -15.73 4.19 19.14
CA CYS A 7 -15.58 5.66 19.11
C CYS A 7 -15.19 6.17 20.50
N LEU A 8 -14.17 7.02 20.54
CA LEU A 8 -13.54 7.41 21.81
C LEU A 8 -14.18 8.63 22.49
N SER A 9 -15.18 9.21 21.83
CA SER A 9 -15.99 10.29 22.40
C SER A 9 -17.36 10.29 21.75
N ASP A 10 -18.34 10.91 22.40
CA ASP A 10 -19.68 11.05 21.81
C ASP A 10 -19.68 11.83 20.51
N GLU A 11 -18.83 12.85 20.43
CA GLU A 11 -18.72 13.66 19.21
C GLU A 11 -18.34 12.75 18.02
N VAL A 12 -17.37 11.86 18.24
CA VAL A 12 -16.92 10.93 17.19
C VAL A 12 -18.01 9.90 16.85
N ARG A 13 -18.69 9.39 17.88
CA ARG A 13 -19.80 8.47 17.69
C ARG A 13 -20.88 9.01 16.73
N GLU A 14 -21.25 10.28 16.92
CA GLU A 14 -22.24 10.94 16.05
C GLU A 14 -21.80 11.00 14.58
N MET A 15 -20.50 11.21 14.36
CA MET A 15 -19.95 11.25 13.01
C MET A 15 -20.10 9.91 12.28
N TYR A 16 -19.87 8.81 13.00
CA TYR A 16 -19.92 7.47 12.43
C TYR A 16 -21.30 6.87 12.35
N LYS A 17 -22.21 7.38 13.18
CA LYS A 17 -23.63 7.05 13.06
C LYS A 17 -24.21 7.62 11.76
N ASN A 18 -23.67 8.77 11.33
CA ASN A 18 -24.06 9.42 10.08
C ASN A 18 -22.88 9.46 9.09
N HIS A 19 -22.36 8.27 8.74
CA HIS A 19 -21.13 8.17 7.94
C HIS A 19 -21.33 8.63 6.49
N LYS A 20 -20.90 9.86 6.21
CA LYS A 20 -20.98 10.43 4.86
C LYS A 20 -19.58 10.77 4.32
N GLY A 25 -20.42 -1.30 -1.85
CA GLY A 25 -19.49 -2.20 -1.18
C GLY A 25 -18.05 -1.81 -1.48
N ASP A 26 -17.58 -0.73 -0.87
CA ASP A 26 -16.26 -0.19 -1.17
C ASP A 26 -15.17 -0.97 -0.45
N SER A 27 -14.04 -1.12 -1.12
CA SER A 27 -12.86 -1.76 -0.55
C SER A 27 -12.15 -0.91 0.50
N GLY A 28 -12.52 0.37 0.57
CA GLY A 28 -11.96 1.27 1.58
C GLY A 28 -13.03 1.95 2.40
N LEU A 29 -12.85 1.97 3.72
CA LEU A 29 -13.75 2.71 4.60
C LEU A 29 -13.09 4.03 4.99
N ASP A 30 -13.66 5.13 4.52
CA ASP A 30 -13.14 6.45 4.87
C ASP A 30 -13.21 6.71 6.37
N LEU A 31 -12.10 7.23 6.92
CA LEU A 31 -12.09 7.68 8.30
C LEU A 31 -12.09 9.20 8.39
N PHE A 32 -12.78 9.74 9.39
CA PHE A 32 -12.87 11.19 9.57
C PHE A 32 -11.68 11.77 10.32
N ILE A 33 -11.31 13.00 9.95
CA ILE A 33 -10.61 13.90 10.87
C ILE A 33 -11.69 14.32 11.87
N VAL A 34 -11.39 14.21 13.16
CA VAL A 34 -12.42 14.37 14.19
C VAL A 34 -12.32 15.67 14.99
N LYS A 35 -11.26 16.44 14.72
CA LYS A 35 -11.05 17.73 15.38
C LYS A 35 -10.27 18.68 14.45
N ASP A 36 -10.70 19.94 14.41
CA ASP A 36 -9.93 20.99 13.71
C ASP A 36 -8.53 21.02 14.30
N GLU A 37 -7.53 21.05 13.42
CA GLU A 37 -6.15 21.03 13.85
C GLU A 37 -5.24 21.73 12.84
N VAL A 38 -4.26 22.47 13.35
CA VAL A 38 -3.23 23.10 12.52
C VAL A 38 -1.96 22.24 12.49
N LEU A 39 -1.58 21.85 11.28
CA LEU A 39 -0.36 21.10 11.08
C LEU A 39 0.74 22.07 10.70
N LYS A 40 1.82 22.05 11.48
CA LYS A 40 2.98 22.92 11.25
C LYS A 40 3.62 22.69 9.89
N PRO A 41 4.17 23.75 9.27
CA PRO A 41 4.91 23.59 8.02
C PRO A 41 6.07 22.62 8.20
N LYS A 42 6.35 21.84 7.15
CA LYS A 42 7.54 20.99 7.09
C LYS A 42 7.68 20.10 8.32
N SER A 43 6.57 19.48 8.70
CA SER A 43 6.53 18.73 9.94
C SER A 43 5.78 17.42 9.76
N THR A 44 5.99 16.50 10.69
CA THR A 44 5.20 15.29 10.79
C THR A 44 4.31 15.41 12.01
N THR A 45 3.00 15.17 11.81
CA THR A 45 2.05 15.25 12.91
C THR A 45 1.34 13.90 13.03
N PHE A 46 1.27 13.40 14.26
CA PHE A 46 0.58 12.14 14.56
C PHE A 46 -0.86 12.45 14.95
N VAL A 47 -1.72 12.43 13.92
CA VAL A 47 -3.11 12.88 14.03
C VAL A 47 -4.00 11.76 14.57
N LYS A 48 -4.62 12.02 15.71
CA LYS A 48 -5.46 11.04 16.39
C LYS A 48 -6.83 10.97 15.72
N LEU A 49 -7.27 9.77 15.35
CA LEU A 49 -8.53 9.65 14.60
C LEU A 49 -9.76 9.36 15.47
N GLY A 50 -9.58 9.38 16.78
CA GLY A 50 -10.71 9.26 17.73
C GLY A 50 -11.39 7.91 17.79
N ILE A 51 -10.76 6.88 17.21
CA ILE A 51 -11.32 5.53 17.14
C ILE A 51 -10.27 4.45 17.45
N LYS A 52 -10.79 3.28 17.86
CA LYS A 52 -10.05 2.03 17.91
C LYS A 52 -10.85 1.03 17.07
N ALA A 53 -10.18 0.06 16.47
CA ALA A 53 -10.89 -0.91 15.62
C ALA A 53 -10.21 -2.27 15.56
N ILE A 54 -11.03 -3.32 15.45
CA ILE A 54 -10.54 -4.65 15.08
C ILE A 54 -11.19 -5.05 13.78
N ALA A 55 -10.49 -5.87 13.00
CA ALA A 55 -10.98 -6.35 11.72
C ALA A 55 -11.22 -7.84 11.79
N LEU A 56 -12.36 -8.26 11.25
CA LEU A 56 -12.75 -9.66 11.28
C LEU A 56 -12.84 -10.23 9.87
N GLN A 57 -12.25 -11.41 9.68
CA GLN A 57 -12.30 -12.14 8.40
C GLN A 57 -12.53 -13.62 8.66
N TYR A 58 -12.86 -14.37 7.61
CA TYR A 58 -12.92 -15.82 7.70
C TYR A 58 -11.52 -16.39 7.91
N LYS A 59 -11.42 -17.37 8.79
CA LYS A 59 -10.19 -18.08 9.03
C LYS A 59 -9.73 -18.72 7.72
N SER A 60 -8.42 -18.65 7.47
CA SER A 60 -7.82 -19.33 6.32
CA SER A 60 -7.80 -19.30 6.32
C SER A 60 -6.56 -20.06 6.74
N ASN A 61 -6.33 -21.21 6.11
CA ASN A 61 -5.15 -22.02 6.36
C ASN A 61 -3.95 -21.39 5.65
N TYR A 62 -2.89 -21.14 6.38
CA TYR A 62 -1.69 -20.51 5.80
C TYR A 62 -0.41 -21.25 6.17
N TYR A 63 0.54 -21.26 5.23
CA TYR A 63 1.82 -21.91 5.44
C TYR A 63 2.69 -21.11 6.42
N TYR A 64 3.18 -21.81 7.44
CA TYR A 64 3.89 -21.16 8.55
C TYR A 64 4.72 -22.23 9.27
N LYS A 65 6.04 -22.08 9.22
CA LYS A 65 6.97 -23.02 9.83
C LYS A 65 7.73 -22.38 10.98
N ASN A 80 -14.73 -19.83 13.23
CA ASN A 80 -14.83 -19.55 11.81
C ASN A 80 -14.31 -18.16 11.43
N ILE A 81 -14.51 -17.21 12.34
CA ILE A 81 -14.14 -15.81 12.12
C ILE A 81 -12.97 -15.47 13.02
N VAL A 82 -11.97 -14.78 12.47
CA VAL A 82 -10.77 -14.42 13.22
C VAL A 82 -10.45 -12.93 13.09
N ASN A 83 -9.86 -12.37 14.15
CA ASN A 83 -9.22 -11.05 14.14
C ASN A 83 -8.07 -11.07 13.14
N THR A 84 -8.03 -10.07 12.26
CA THR A 84 -6.96 -9.99 11.27
CA THR A 84 -6.97 -9.98 11.26
C THR A 84 -6.27 -8.63 11.28
N SER A 85 -5.04 -8.61 10.78
CA SER A 85 -4.34 -7.36 10.49
CA SER A 85 -4.34 -7.36 10.49
C SER A 85 -5.08 -6.64 9.37
N PHE A 86 -4.92 -5.32 9.31
CA PHE A 86 -5.52 -4.54 8.23
C PHE A 86 -4.65 -3.33 7.91
N LEU A 87 -5.12 -2.53 6.95
CA LEU A 87 -4.27 -1.51 6.34
C LEU A 87 -4.90 -0.12 6.40
N LEU A 88 -4.05 0.89 6.62
CA LEU A 88 -4.46 2.27 6.60
C LEU A 88 -3.86 2.92 5.34
N PHE A 89 -4.72 3.21 4.36
CA PHE A 89 -4.33 3.83 3.08
C PHE A 89 -4.63 5.32 3.13
N PRO A 90 -3.82 6.14 2.44
CA PRO A 90 -4.30 7.48 2.12
C PRO A 90 -5.52 7.37 1.19
N ARG A 91 -6.44 8.31 1.26
CA ARG A 91 -7.44 8.41 0.20
C ARG A 91 -6.76 9.08 -1.00
N SER A 92 -7.25 8.79 -2.21
CA SER A 92 -6.64 9.39 -3.40
C SER A 92 -6.75 10.91 -3.36
N SER A 93 -7.82 11.43 -2.77
CA SER A 93 -8.01 12.89 -2.63
C SER A 93 -6.98 13.57 -1.72
N ILE A 94 -6.17 12.80 -0.99
CA ILE A 94 -5.07 13.40 -0.21
C ILE A 94 -4.09 14.11 -1.16
N SER A 95 -4.05 13.62 -2.39
CA SER A 95 -3.07 14.06 -3.40
C SER A 95 -3.16 15.55 -3.73
N LYS A 96 -4.35 16.13 -3.64
CA LYS A 96 -4.50 17.56 -3.93
C LYS A 96 -3.98 18.45 -2.79
N THR A 97 -3.82 17.87 -1.61
CA THR A 97 -3.25 18.58 -0.45
C THR A 97 -1.71 18.40 -0.43
N PRO A 98 -0.99 19.17 0.41
CA PRO A 98 0.44 18.92 0.62
C PRO A 98 0.74 17.83 1.66
N LEU A 99 -0.29 17.14 2.14
CA LEU A 99 -0.15 16.14 3.21
C LEU A 99 0.12 14.77 2.63
N ARG A 100 1.10 14.07 3.21
CA ARG A 100 1.50 12.74 2.74
C ARG A 100 1.64 11.79 3.94
N LEU A 101 1.25 10.53 3.77
CA LEU A 101 1.31 9.57 4.88
C LEU A 101 2.77 9.14 5.06
N ALA A 102 3.33 9.49 6.21
CA ALA A 102 4.78 9.33 6.44
C ALA A 102 5.24 7.89 6.24
N ASN A 103 4.50 6.93 6.79
CA ASN A 103 4.83 5.51 6.66
C ASN A 103 4.29 4.79 5.40
N SER A 104 3.84 5.60 4.43
CA SER A 104 3.30 5.13 3.13
CA SER A 104 3.29 5.15 3.14
C SER A 104 1.92 4.48 3.29
N ILE A 105 1.90 3.29 3.89
CA ILE A 105 0.67 2.54 4.18
C ILE A 105 0.85 1.99 5.58
N GLY A 106 -0.14 2.20 6.43
CA GLY A 106 -0.07 1.78 7.83
C GLY A 106 -0.47 0.33 7.94
N LEU A 107 0.29 -0.44 8.73
CA LEU A 107 -0.04 -1.83 8.99
C LEU A 107 -0.53 -1.95 10.43
N ILE A 108 -1.80 -2.30 10.60
CA ILE A 108 -2.38 -2.45 11.93
C ILE A 108 -2.43 -3.95 12.22
N ASP A 109 -1.62 -4.42 13.17
CA ASP A 109 -1.61 -5.86 13.50
C ASP A 109 -2.92 -6.29 14.16
N ALA A 110 -3.28 -7.56 13.99
CA ALA A 110 -4.51 -8.13 14.58
C ALA A 110 -4.69 -7.83 16.08
N GLY A 111 -3.58 -7.68 16.80
CA GLY A 111 -3.60 -7.49 18.26
C GLY A 111 -3.62 -6.06 18.82
N TYR A 112 -3.54 -5.06 17.93
CA TYR A 112 -3.45 -3.67 18.36
C TYR A 112 -4.78 -3.13 18.90
N ARG A 113 -4.70 -2.54 20.09
CA ARG A 113 -5.88 -2.00 20.79
C ARG A 113 -5.78 -0.50 21.07
N GLY A 114 -4.76 0.16 20.53
CA GLY A 114 -4.58 1.59 20.70
C GLY A 114 -5.39 2.39 19.69
N GLU A 115 -5.39 3.71 19.83
CA GLU A 115 -6.13 4.59 18.94
C GLU A 115 -5.49 4.56 17.55
N ILE A 116 -6.31 4.63 16.51
CA ILE A 116 -5.78 4.66 15.15
CA ILE A 116 -5.81 4.67 15.14
C ILE A 116 -5.29 6.08 14.86
N ILE A 117 -4.04 6.16 14.42
CA ILE A 117 -3.37 7.43 14.16
CA ILE A 117 -3.38 7.44 14.15
C ILE A 117 -2.87 7.50 12.70
N ALA A 118 -2.98 8.68 12.09
CA ALA A 118 -2.40 8.92 10.76
C ALA A 118 -1.20 9.85 10.94
N ALA A 119 -0.03 9.36 10.55
CA ALA A 119 1.21 10.14 10.61
C ALA A 119 1.33 10.97 9.34
N LEU A 120 1.02 12.26 9.45
CA LEU A 120 0.89 13.12 8.27
C LEU A 120 2.07 14.12 8.12
N ASP A 121 2.80 14.01 7.01
CA ASP A 121 3.87 14.95 6.69
C ASP A 121 3.19 16.14 6.00
N ASN A 122 3.37 17.33 6.55
CA ASN A 122 2.99 18.54 5.84
C ASN A 122 4.18 19.01 5.00
N THR A 123 4.14 18.74 3.70
CA THR A 123 5.24 19.04 2.79
C THR A 123 5.30 20.53 2.41
N SER A 124 4.31 21.29 2.85
CA SER A 124 4.19 22.74 2.58
C SER A 124 5.03 23.56 3.55
N ASP A 125 5.42 24.77 3.13
CA ASP A 125 6.11 25.70 4.03
C ASP A 125 5.12 26.60 4.77
N GLN A 126 3.83 26.36 4.57
CA GLN A 126 2.76 27.06 5.27
C GLN A 126 2.04 26.09 6.24
N GLU A 127 1.47 26.64 7.30
CA GLU A 127 0.58 25.88 8.18
C GLU A 127 -0.54 25.26 7.36
N TYR A 128 -0.96 24.05 7.71
CA TYR A 128 -2.11 23.45 7.05
C TYR A 128 -3.25 23.17 8.03
N HIS A 129 -4.45 23.66 7.71
CA HIS A 129 -5.64 23.50 8.54
C HIS A 129 -6.42 22.26 8.12
N ILE A 130 -6.39 21.20 8.94
CA ILE A 130 -7.33 20.11 8.75
C ILE A 130 -8.58 20.38 9.59
N LYS A 131 -9.73 19.96 9.08
CA LYS A 131 -11.01 20.27 9.72
C LYS A 131 -11.76 19.00 10.08
N LYS A 132 -12.44 19.03 11.22
CA LYS A 132 -13.41 17.99 11.56
C LYS A 132 -14.29 17.73 10.35
N ASN A 133 -14.47 16.45 10.03
CA ASN A 133 -15.22 15.97 8.86
C ASN A 133 -14.42 15.80 7.57
N ASP A 134 -13.20 16.33 7.52
CA ASP A 134 -12.28 16.03 6.43
C ASP A 134 -12.03 14.52 6.41
N LYS A 135 -11.80 13.96 5.23
CA LYS A 135 -11.49 12.53 5.12
C LYS A 135 -10.24 12.38 4.27
N LEU A 136 -9.14 11.97 4.91
CA LEU A 136 -7.84 11.91 4.27
C LEU A 136 -7.28 10.51 4.15
N VAL A 137 -7.81 9.61 4.98
CA VAL A 137 -7.35 8.22 5.03
C VAL A 137 -8.53 7.25 5.06
N GLN A 138 -8.23 5.97 4.85
CA GLN A 138 -9.24 4.91 4.80
C GLN A 138 -8.65 3.59 5.26
N LEU A 139 -9.51 2.73 5.80
CA LEU A 139 -9.09 1.37 6.17
C LEU A 139 -9.36 0.43 5.02
N VAL A 140 -8.46 -0.53 4.84
CA VAL A 140 -8.50 -1.46 3.70
C VAL A 140 -8.11 -2.86 4.17
N SER A 141 -8.80 -3.87 3.62
CA SER A 141 -8.46 -5.27 3.88
C SER A 141 -7.32 -5.76 2.99
N PHE A 142 -6.47 -6.65 3.54
CA PHE A 142 -5.46 -7.37 2.74
C PHE A 142 -6.11 -8.14 1.56
N THR A 143 -7.37 -8.52 1.71
CA THR A 143 -8.10 -9.23 0.66
C THR A 143 -8.56 -8.29 -0.47
N GLY A 144 -8.68 -7.01 -0.15
CA GLY A 144 -9.28 -6.03 -1.06
C GLY A 144 -10.79 -6.16 -1.20
N GLU A 145 -11.40 -6.98 -0.36
N GLU A 145 -11.41 -6.99 -0.38
CA GLU A 145 -12.85 -7.21 -0.39
CA GLU A 145 -12.86 -7.20 -0.43
C GLU A 145 -13.63 -6.02 0.20
C GLU A 145 -13.62 -6.03 0.20
N PRO A 146 -14.94 -5.92 -0.11
CA PRO A 146 -15.81 -4.91 0.52
C PRO A 146 -15.75 -4.91 2.05
N LEU A 147 -15.89 -3.73 2.63
CA LEU A 147 -15.83 -3.58 4.07
C LEU A 147 -17.16 -3.18 4.64
N SER A 148 -17.56 -3.85 5.72
CA SER A 148 -18.69 -3.41 6.53
C SER A 148 -18.15 -3.02 7.89
N PHE A 149 -18.90 -2.25 8.64
CA PHE A 149 -18.49 -1.89 10.00
C PHE A 149 -19.68 -1.77 10.93
N GLU A 150 -19.42 -1.91 12.23
CA GLU A 150 -20.40 -1.62 13.26
C GLU A 150 -19.71 -0.88 14.39
N LEU A 151 -20.49 -0.10 15.13
CA LEU A 151 -19.98 0.58 16.31
C LEU A 151 -20.19 -0.27 17.55
N VAL A 152 -19.12 -0.47 18.30
CA VAL A 152 -19.17 -1.24 19.54
C VAL A 152 -18.60 -0.42 20.71
N GLU A 153 -18.88 -0.86 21.94
CA GLU A 153 -18.40 -0.16 23.13
C GLU A 153 -17.02 -0.62 23.56
N GLU A 154 -16.59 -1.80 23.11
CA GLU A 154 -15.27 -2.32 23.45
C GLU A 154 -14.80 -3.30 22.38
N LEU A 155 -13.49 -3.38 22.22
CA LEU A 155 -12.88 -4.35 21.29
C LEU A 155 -12.71 -5.72 21.94
N ASP A 156 -12.38 -5.72 23.22
CA ASP A 156 -12.25 -6.95 24.02
C ASP A 156 -12.40 -6.64 25.50
N GLU A 157 -12.04 -7.60 26.35
CA GLU A 157 -12.26 -7.50 27.80
C GLU A 157 -11.23 -6.59 28.48
N THR A 158 -10.17 -6.24 27.76
CA THR A 158 -9.06 -5.49 28.36
C THR A 158 -9.37 -4.01 28.43
N SER A 159 -8.75 -3.34 29.41
CA SER A 159 -8.92 -1.91 29.58
CA SER A 159 -8.88 -1.90 29.60
C SER A 159 -8.43 -1.12 28.37
N ARG A 160 -7.30 -1.55 27.78
CA ARG A 160 -6.83 -0.88 26.55
C ARG A 160 -7.85 -1.10 25.41
N GLY A 161 -8.51 -2.25 25.42
CA GLY A 161 -9.62 -2.51 24.51
C GLY A 161 -10.92 -1.79 24.85
N GLU A 162 -10.90 -0.97 25.90
CA GLU A 162 -12.06 -0.19 26.38
C GLU A 162 -13.12 -1.03 27.09
N GLY A 163 -12.79 -2.28 27.39
CA GLY A 163 -13.77 -3.18 28.01
C GLY A 163 -13.51 -3.54 29.46
N GLY A 164 -14.28 -4.51 29.94
CA GLY A 164 -14.07 -5.07 31.26
C GLY A 164 -14.68 -4.27 32.40
N PHE A 165 -14.51 -4.80 33.60
CA PHE A 165 -15.05 -4.21 34.82
C PHE A 165 -14.47 -2.83 35.13
N GLY A 166 -15.33 -1.93 35.60
CA GLY A 166 -14.89 -0.72 36.28
C GLY A 166 -14.52 0.45 35.39
N SER A 167 -13.97 1.50 36.01
CA SER A 167 -13.68 2.76 35.33
C SER A 167 -12.45 2.68 34.44
N MET B 1 2.68 -17.27 5.84
CA MET B 1 3.81 -17.19 4.87
CA MET B 1 3.81 -17.21 4.88
C MET B 1 5.13 -17.51 5.57
N HIS B 2 5.98 -18.28 4.90
CA HIS B 2 7.27 -18.68 5.42
C HIS B 2 8.40 -18.22 4.50
N LEU B 3 9.38 -17.53 5.07
CA LEU B 3 10.50 -17.00 4.30
C LEU B 3 11.78 -17.82 4.47
N LYS B 4 12.46 -18.07 3.36
CA LYS B 4 13.81 -18.62 3.39
C LYS B 4 14.80 -17.51 3.07
N ILE B 5 15.65 -17.18 4.03
CA ILE B 5 16.53 -16.02 3.96
C ILE B 5 18.02 -16.40 3.91
N VAL B 6 18.70 -15.95 2.85
CA VAL B 6 20.15 -16.07 2.75
C VAL B 6 20.80 -14.77 3.22
N CYS B 7 21.54 -14.84 4.33
CA CYS B 7 22.33 -13.72 4.80
C CYS B 7 23.66 -13.72 4.04
N LEU B 8 24.03 -12.57 3.47
CA LEU B 8 25.17 -12.49 2.57
C LEU B 8 26.52 -12.38 3.29
N SER B 9 26.48 -12.27 4.61
CA SER B 9 27.67 -12.28 5.45
C SER B 9 27.34 -12.87 6.82
N ASP B 10 28.37 -13.28 7.56
CA ASP B 10 28.17 -13.88 8.88
C ASP B 10 27.75 -12.87 9.95
N GLU B 11 28.18 -11.62 9.78
CA GLU B 11 27.73 -10.51 10.61
C GLU B 11 26.21 -10.36 10.54
N VAL B 12 25.67 -10.47 9.32
CA VAL B 12 24.22 -10.43 9.10
C VAL B 12 23.53 -11.69 9.64
N ARG B 13 24.12 -12.85 9.36
CA ARG B 13 23.63 -14.13 9.92
C ARG B 13 23.40 -14.04 11.44
N GLU B 14 24.37 -13.46 12.14
CA GLU B 14 24.31 -13.32 13.60
C GLU B 14 23.14 -12.46 14.06
N MET B 15 22.85 -11.40 13.30
CA MET B 15 21.73 -10.50 13.60
C MET B 15 20.38 -11.23 13.55
N TYR B 16 20.22 -12.08 12.56
CA TYR B 16 18.95 -12.79 12.36
C TYR B 16 18.81 -14.08 13.17
N LYS B 17 19.94 -14.66 13.56
CA LYS B 17 19.94 -15.77 14.52
C LYS B 17 19.41 -15.30 15.87
N ASN B 18 19.74 -14.05 16.23
CA ASN B 18 19.29 -13.44 17.47
C ASN B 18 18.15 -12.42 17.26
N HIS B 19 17.28 -12.73 16.30
CA HIS B 19 16.13 -11.85 15.97
C HIS B 19 15.07 -11.87 17.06
N ASP B 26 2.32 -11.42 14.32
CA ASP B 26 2.96 -10.31 13.61
C ASP B 26 2.94 -10.49 12.10
N SER B 27 2.25 -9.57 11.43
CA SER B 27 2.11 -9.58 9.97
C SER B 27 3.37 -9.11 9.24
N GLY B 28 4.27 -8.46 9.96
CA GLY B 28 5.49 -7.96 9.35
C GLY B 28 6.74 -8.48 10.02
N LEU B 29 7.73 -8.86 9.22
CA LEU B 29 9.03 -9.27 9.73
C LEU B 29 10.03 -8.13 9.57
N ASP B 30 10.40 -7.53 10.71
CA ASP B 30 11.37 -6.43 10.73
C ASP B 30 12.70 -6.87 10.11
N LEU B 31 13.24 -6.01 9.24
CA LEU B 31 14.57 -6.22 8.68
C LEU B 31 15.54 -5.22 9.29
N PHE B 32 16.79 -5.64 9.45
CA PHE B 32 17.83 -4.81 10.05
C PHE B 32 18.58 -3.98 9.03
N ILE B 33 18.95 -2.78 9.45
CA ILE B 33 20.04 -2.04 8.81
C ILE B 33 21.31 -2.79 9.27
N VAL B 34 22.16 -3.16 8.32
CA VAL B 34 23.28 -4.06 8.62
C VAL B 34 24.64 -3.39 8.82
N LYS B 35 24.75 -2.12 8.40
CA LYS B 35 25.95 -1.33 8.66
C LYS B 35 25.67 0.16 8.84
N ASP B 36 26.48 0.81 9.67
CA ASP B 36 26.40 2.26 9.87
C ASP B 36 26.61 2.96 8.53
N GLU B 37 25.79 3.96 8.25
CA GLU B 37 25.82 4.64 6.98
C GLU B 37 25.29 6.07 7.11
N VAL B 38 25.90 6.99 6.36
CA VAL B 38 25.47 8.37 6.32
C VAL B 38 24.64 8.61 5.05
N LEU B 39 23.41 9.08 5.23
CA LEU B 39 22.54 9.45 4.10
C LEU B 39 22.62 10.94 3.86
N LYS B 40 23.03 11.32 2.66
CA LYS B 40 23.17 12.73 2.31
C LYS B 40 21.85 13.50 2.47
N PRO B 41 21.92 14.82 2.73
CA PRO B 41 20.69 15.59 2.78
C PRO B 41 19.97 15.57 1.43
N LYS B 42 18.64 15.60 1.47
CA LYS B 42 17.82 15.69 0.26
C LYS B 42 18.29 14.70 -0.81
N SER B 43 18.25 13.42 -0.44
CA SER B 43 18.81 12.36 -1.28
C SER B 43 17.93 11.12 -1.28
N THR B 44 18.20 10.24 -2.24
CA THR B 44 17.66 8.89 -2.26
C THR B 44 18.88 7.96 -2.24
N THR B 45 18.89 7.04 -1.28
CA THR B 45 19.98 6.08 -1.14
C THR B 45 19.44 4.65 -1.24
N PHE B 46 20.08 3.85 -2.09
CA PHE B 46 19.74 2.44 -2.22
C PHE B 46 20.48 1.66 -1.13
N VAL B 47 19.81 1.46 0.00
CA VAL B 47 20.43 0.86 1.18
C VAL B 47 20.32 -0.67 1.10
N LYS B 48 21.48 -1.33 1.06
CA LYS B 48 21.53 -2.78 0.93
C LYS B 48 21.30 -3.43 2.29
N LEU B 49 20.40 -4.41 2.32
CA LEU B 49 20.00 -5.03 3.58
C LEU B 49 20.72 -6.35 3.89
N GLY B 50 21.59 -6.78 2.97
CA GLY B 50 22.48 -7.92 3.20
C GLY B 50 21.84 -9.29 3.20
N ILE B 51 20.64 -9.38 2.64
CA ILE B 51 19.89 -10.64 2.59
C ILE B 51 19.25 -10.86 1.23
N LYS B 52 19.07 -12.13 0.89
CA LYS B 52 18.24 -12.55 -0.22
C LYS B 52 17.14 -13.39 0.42
N ALA B 53 15.96 -13.43 -0.20
CA ALA B 53 14.83 -14.14 0.39
C ALA B 53 13.84 -14.62 -0.65
N ILE B 54 13.24 -15.77 -0.36
CA ILE B 54 12.06 -16.23 -1.10
C ILE B 54 10.93 -16.49 -0.10
N ALA B 55 9.70 -16.24 -0.54
CA ALA B 55 8.53 -16.45 0.30
C ALA B 55 7.78 -17.65 -0.20
N LEU B 56 7.32 -18.48 0.73
CA LEU B 56 6.57 -19.68 0.40
C LEU B 56 5.17 -19.59 0.98
N GLN B 57 4.19 -19.95 0.17
CA GLN B 57 2.79 -20.03 0.58
C GLN B 57 2.16 -21.28 -0.06
N TYR B 58 0.96 -21.64 0.39
CA TYR B 58 0.20 -22.71 -0.25
C TYR B 58 -0.24 -22.28 -1.64
N LYS B 59 -0.14 -23.21 -2.59
CA LYS B 59 -0.55 -22.98 -3.97
C LYS B 59 -2.05 -22.65 -4.05
N SER B 60 -2.41 -21.68 -4.88
CA SER B 60 -3.80 -21.26 -5.02
C SER B 60 -4.24 -21.23 -6.48
N ASN B 61 -5.53 -21.50 -6.70
CA ASN B 61 -6.14 -21.29 -8.00
C ASN B 61 -6.33 -19.79 -8.24
N TYR B 62 -5.74 -19.29 -9.32
CA TYR B 62 -5.91 -17.88 -9.69
C TYR B 62 -6.34 -17.74 -11.15
N TYR B 63 -7.21 -16.77 -11.41
CA TYR B 63 -7.69 -16.52 -12.76
C TYR B 63 -6.60 -15.87 -13.62
N TYR B 64 -6.30 -16.50 -14.75
CA TYR B 64 -5.22 -16.08 -15.63
C TYR B 64 -5.47 -16.64 -17.03
N LYS B 65 -5.27 -15.79 -18.04
CA LYS B 65 -5.44 -16.21 -19.44
C LYS B 65 -4.12 -16.24 -20.19
N CYS B 66 -3.90 -17.30 -20.96
CA CYS B 66 -2.69 -17.46 -21.76
C CYS B 66 -2.90 -16.91 -23.18
N ASN B 80 0.23 -28.11 -1.21
CA ASN B 80 1.41 -27.89 -2.06
C ASN B 80 1.97 -26.48 -1.91
N ILE B 81 3.30 -26.38 -2.02
CA ILE B 81 4.03 -25.15 -1.72
C ILE B 81 4.60 -24.48 -2.98
N VAL B 82 4.38 -23.18 -3.10
CA VAL B 82 4.96 -22.37 -4.17
C VAL B 82 5.61 -21.10 -3.63
N ASN B 83 6.62 -20.61 -4.35
CA ASN B 83 7.19 -19.32 -4.00
C ASN B 83 6.27 -18.21 -4.53
N THR B 84 6.06 -17.21 -3.68
CA THR B 84 5.14 -16.12 -4.00
CA THR B 84 5.12 -16.14 -3.95
C THR B 84 5.82 -14.78 -3.91
N SER B 85 5.23 -13.79 -4.57
CA SER B 85 5.68 -12.42 -4.44
C SER B 85 5.35 -11.94 -3.02
N PHE B 86 6.10 -10.94 -2.55
CA PHE B 86 5.87 -10.37 -1.24
C PHE B 86 6.21 -8.87 -1.25
N LEU B 87 6.05 -8.24 -0.09
CA LEU B 87 6.03 -6.79 0.00
C LEU B 87 7.05 -6.27 1.00
N LEU B 88 7.65 -5.12 0.69
CA LEU B 88 8.54 -4.40 1.61
C LEU B 88 7.83 -3.13 2.08
N PHE B 89 7.39 -3.13 3.35
CA PHE B 89 6.73 -1.98 3.98
C PHE B 89 7.72 -1.17 4.82
N PRO B 90 7.50 0.16 4.94
CA PRO B 90 8.14 0.91 6.02
C PRO B 90 7.60 0.40 7.35
N ARG B 91 8.42 0.46 8.40
CA ARG B 91 7.91 0.28 9.75
C ARG B 91 7.26 1.59 10.16
N SER B 92 6.24 1.52 11.02
CA SER B 92 5.53 2.74 11.43
C SER B 92 6.47 3.74 12.10
N SER B 93 7.49 3.22 12.80
CA SER B 93 8.47 4.07 13.50
C SER B 93 9.34 4.92 12.57
N ILE B 94 9.35 4.60 11.27
CA ILE B 94 10.10 5.41 10.29
C ILE B 94 9.61 6.85 10.27
N SER B 95 8.33 7.01 10.65
CA SER B 95 7.66 8.31 10.65
CA SER B 95 7.65 8.30 10.66
C SER B 95 8.35 9.29 11.60
N LYS B 96 9.01 8.76 12.61
CA LYS B 96 9.72 9.56 13.60
C LYS B 96 11.08 10.05 13.10
N THR B 97 11.47 9.58 11.92
CA THR B 97 12.72 9.96 11.24
C THR B 97 12.39 10.83 10.03
N PRO B 98 13.40 11.48 9.41
CA PRO B 98 13.11 12.15 8.15
C PRO B 98 13.16 11.23 6.92
N LEU B 99 13.29 9.91 7.13
CA LEU B 99 13.43 8.96 6.04
C LEU B 99 12.08 8.42 5.57
N ARG B 100 11.95 8.30 4.25
CA ARG B 100 10.71 7.82 3.65
C ARG B 100 11.07 6.81 2.58
N LEU B 101 10.23 5.80 2.39
CA LEU B 101 10.52 4.79 1.38
C LEU B 101 10.13 5.34 0.00
N ALA B 102 11.12 5.45 -0.89
CA ALA B 102 10.95 6.18 -2.15
C ALA B 102 9.83 5.60 -3.04
N ASN B 103 9.76 4.28 -3.10
CA ASN B 103 8.77 3.61 -3.95
C ASN B 103 7.47 3.20 -3.23
N SER B 104 7.24 3.84 -2.06
CA SER B 104 6.06 3.65 -1.21
C SER B 104 6.04 2.29 -0.50
N ILE B 105 5.84 1.25 -1.30
CA ILE B 105 5.86 -0.14 -0.84
C ILE B 105 6.58 -0.90 -1.94
N GLY B 106 7.61 -1.66 -1.57
CA GLY B 106 8.34 -2.45 -2.55
C GLY B 106 7.62 -3.75 -2.84
N LEU B 107 7.67 -4.13 -4.12
CA LEU B 107 7.10 -5.38 -4.60
C LEU B 107 8.25 -6.31 -4.97
N ILE B 108 8.41 -7.40 -4.22
CA ILE B 108 9.41 -8.41 -4.58
C ILE B 108 8.71 -9.55 -5.31
N ASP B 109 8.95 -9.64 -6.63
CA ASP B 109 8.36 -10.69 -7.46
CA ASP B 109 8.35 -10.68 -7.46
C ASP B 109 8.81 -12.07 -7.02
N ALA B 110 7.94 -13.06 -7.24
CA ALA B 110 8.24 -14.46 -6.91
C ALA B 110 9.56 -14.95 -7.50
N GLY B 111 9.90 -14.47 -8.70
CA GLY B 111 11.12 -14.89 -9.40
C GLY B 111 12.41 -14.16 -9.07
N TYR B 112 12.37 -13.23 -8.11
CA TYR B 112 13.56 -12.43 -7.76
C TYR B 112 14.53 -13.14 -6.81
N ARG B 113 15.82 -13.15 -7.18
CA ARG B 113 16.86 -13.86 -6.42
C ARG B 113 17.95 -12.94 -5.85
N GLY B 114 17.87 -11.64 -6.13
CA GLY B 114 18.89 -10.71 -5.70
C GLY B 114 18.75 -10.24 -4.26
N GLU B 115 19.66 -9.35 -3.85
CA GLU B 115 19.65 -8.78 -2.52
C GLU B 115 18.48 -7.82 -2.37
N ILE B 116 17.92 -7.76 -1.17
CA ILE B 116 16.84 -6.84 -0.86
C ILE B 116 17.44 -5.48 -0.52
N ILE B 117 16.93 -4.44 -1.17
CA ILE B 117 17.38 -3.06 -0.98
C ILE B 117 16.20 -2.20 -0.52
N ALA B 118 16.46 -1.27 0.40
CA ALA B 118 15.49 -0.25 0.76
C ALA B 118 15.89 1.09 0.14
N ALA B 119 15.06 1.59 -0.77
CA ALA B 119 15.32 2.91 -1.38
C ALA B 119 14.78 3.99 -0.45
N LEU B 120 15.70 4.63 0.27
CA LEU B 120 15.30 5.58 1.30
C LEU B 120 15.57 7.01 0.88
N ASP B 121 14.52 7.82 0.87
CA ASP B 121 14.64 9.27 0.75
C ASP B 121 15.00 9.90 2.09
N ASN B 122 16.06 10.69 2.11
CA ASN B 122 16.31 11.57 3.24
C ASN B 122 15.69 12.94 2.96
N THR B 123 14.58 13.22 3.63
CA THR B 123 13.81 14.45 3.38
C THR B 123 14.42 15.66 4.08
N SER B 124 15.42 15.43 4.92
CA SER B 124 16.06 16.49 5.71
C SER B 124 17.08 17.29 4.90
N ASP B 125 17.29 18.55 5.32
CA ASP B 125 18.31 19.40 4.72
CA ASP B 125 18.31 19.43 4.76
C ASP B 125 19.69 19.12 5.33
N GLN B 126 19.73 18.16 6.25
CA GLN B 126 20.97 17.72 6.86
C GLN B 126 21.16 16.21 6.68
N GLU B 127 22.41 15.75 6.71
CA GLU B 127 22.70 14.32 6.62
C GLU B 127 22.04 13.54 7.75
N TYR B 128 21.71 12.29 7.50
CA TYR B 128 21.09 11.44 8.51
C TYR B 128 21.86 10.13 8.66
N HIS B 129 22.15 9.77 9.91
CA HIS B 129 22.97 8.60 10.22
C HIS B 129 22.09 7.41 10.55
N ILE B 130 22.14 6.36 9.72
CA ILE B 130 21.51 5.09 10.09
C ILE B 130 22.57 4.17 10.71
N LYS B 131 22.16 3.36 11.66
CA LYS B 131 23.08 2.53 12.46
C LYS B 131 22.77 1.07 12.24
N LYS B 132 23.83 0.23 12.27
CA LYS B 132 23.64 -1.21 12.34
C LYS B 132 22.64 -1.52 13.45
N ASN B 133 21.73 -2.47 13.18
CA ASN B 133 20.66 -2.87 14.12
C ASN B 133 19.42 -1.97 14.10
N ASP B 134 19.47 -0.87 13.36
CA ASP B 134 18.26 -0.07 13.14
C ASP B 134 17.23 -0.91 12.39
N LYS B 135 15.96 -0.68 12.67
CA LYS B 135 14.88 -1.39 11.98
C LYS B 135 13.92 -0.39 11.38
N LEU B 136 14.00 -0.25 10.07
CA LEU B 136 13.28 0.81 9.34
C LEU B 136 12.21 0.26 8.39
N VAL B 137 12.39 -0.99 7.97
CA VAL B 137 11.50 -1.65 7.02
C VAL B 137 11.15 -3.07 7.47
N GLN B 138 10.14 -3.65 6.84
CA GLN B 138 9.66 -4.99 7.21
C GLN B 138 9.09 -5.71 5.98
N LEU B 139 9.16 -7.05 6.00
CA LEU B 139 8.56 -7.84 4.93
C LEU B 139 7.16 -8.26 5.34
N VAL B 140 6.26 -8.31 4.36
CA VAL B 140 4.82 -8.53 4.60
C VAL B 140 4.28 -9.40 3.48
N SER B 141 3.35 -10.29 3.85
CA SER B 141 2.64 -11.12 2.88
C SER B 141 1.43 -10.37 2.32
N PHE B 142 1.09 -10.66 1.06
CA PHE B 142 -0.14 -10.15 0.45
C PHE B 142 -1.40 -10.55 1.23
N THR B 143 -1.27 -11.59 2.05
CA THR B 143 -2.40 -12.09 2.84
C THR B 143 -2.52 -11.39 4.19
N GLY B 144 -1.43 -10.75 4.62
CA GLY B 144 -1.37 -10.15 5.96
C GLY B 144 -1.24 -11.17 7.08
N GLU B 145 -0.98 -12.42 6.71
CA GLU B 145 -0.87 -13.51 7.69
C GLU B 145 0.48 -13.42 8.42
N PRO B 146 0.56 -14.02 9.64
CA PRO B 146 1.85 -14.07 10.34
C PRO B 146 2.98 -14.66 9.51
N LEU B 147 4.20 -14.19 9.75
CA LEU B 147 5.36 -14.62 8.99
C LEU B 147 6.32 -15.43 9.85
N SER B 148 6.81 -16.53 9.28
CA SER B 148 7.92 -17.27 9.87
C SER B 148 9.07 -17.25 8.88
N PHE B 149 10.28 -17.42 9.38
CA PHE B 149 11.45 -17.49 8.51
C PHE B 149 12.46 -18.53 8.99
N GLU B 150 13.30 -18.97 8.07
CA GLU B 150 14.47 -19.76 8.39
C GLU B 150 15.66 -19.25 7.57
N LEU B 151 16.86 -19.46 8.10
CA LEU B 151 18.09 -19.07 7.40
C LEU B 151 18.65 -20.24 6.60
N VAL B 152 18.88 -20.02 5.32
CA VAL B 152 19.42 -21.04 4.41
C VAL B 152 20.68 -20.55 3.71
N GLU B 153 21.46 -21.47 3.17
CA GLU B 153 22.70 -21.14 2.46
C GLU B 153 22.45 -20.75 1.00
N GLU B 154 21.44 -21.38 0.39
CA GLU B 154 21.07 -21.10 -1.00
C GLU B 154 19.55 -21.10 -1.14
N LEU B 155 19.03 -20.30 -2.09
CA LEU B 155 17.58 -20.15 -2.26
C LEU B 155 16.93 -21.28 -3.07
N ASP B 156 17.51 -21.60 -4.22
CA ASP B 156 17.00 -22.63 -5.14
C ASP B 156 15.52 -22.44 -5.50
N MET C 1 -4.73 -13.00 -11.64
N MET C 1 -4.73 -13.09 -11.65
CA MET C 1 -5.72 -11.91 -11.91
CA MET C 1 -5.72 -12.01 -11.93
C MET C 1 -5.64 -11.50 -13.37
C MET C 1 -5.64 -11.60 -13.40
N HIS C 2 -6.80 -11.31 -13.99
CA HIS C 2 -6.88 -10.96 -15.40
C HIS C 2 -7.54 -9.59 -15.58
N LEU C 3 -6.87 -8.71 -16.31
CA LEU C 3 -7.36 -7.35 -16.56
C LEU C 3 -7.96 -7.19 -17.96
N LYS C 4 -9.14 -6.59 -18.02
CA LYS C 4 -9.68 -6.17 -19.29
C LYS C 4 -9.45 -4.67 -19.44
N ILE C 5 -8.64 -4.31 -20.42
CA ILE C 5 -8.16 -2.93 -20.60
C ILE C 5 -8.77 -2.27 -21.84
N VAL C 6 -9.33 -1.08 -21.63
CA VAL C 6 -9.76 -0.23 -22.73
C VAL C 6 -8.73 0.88 -22.96
N CYS C 7 -8.09 0.86 -24.12
CA CYS C 7 -7.18 1.93 -24.50
C CYS C 7 -7.96 3.08 -25.11
N LEU C 8 -7.71 4.30 -24.63
CA LEU C 8 -8.54 5.46 -24.98
C LEU C 8 -8.18 6.15 -26.30
N SER C 9 -7.14 5.63 -26.95
CA SER C 9 -6.73 6.11 -28.27
C SER C 9 -5.93 5.01 -28.97
N ASP C 10 -5.80 5.13 -30.29
CA ASP C 10 -5.06 4.13 -31.05
C ASP C 10 -3.59 4.14 -30.71
N GLU C 11 -3.06 5.34 -30.44
CA GLU C 11 -1.67 5.50 -30.00
C GLU C 11 -1.40 4.63 -28.78
N VAL C 12 -2.32 4.67 -27.82
CA VAL C 12 -2.22 3.86 -26.60
C VAL C 12 -2.42 2.37 -26.91
N ARG C 13 -3.40 2.06 -27.77
CA ARG C 13 -3.65 0.67 -28.16
CA ARG C 13 -3.65 0.69 -28.19
C ARG C 13 -2.38 0.04 -28.74
N GLU C 14 -1.68 0.79 -29.60
CA GLU C 14 -0.43 0.31 -30.22
C GLU C 14 0.68 0.02 -29.20
N MET C 15 0.69 0.79 -28.11
CA MET C 15 1.66 0.58 -27.05
CA MET C 15 1.66 0.59 -27.05
C MET C 15 1.43 -0.73 -26.30
N TYR C 16 0.16 -1.05 -26.06
CA TYR C 16 -0.20 -2.25 -25.27
C TYR C 16 -0.27 -3.54 -26.08
N LYS C 17 -0.46 -3.42 -27.39
CA LYS C 17 -0.29 -4.54 -28.31
C LYS C 17 1.18 -5.01 -28.29
N ASN C 18 2.09 -4.05 -28.20
CA ASN C 18 3.53 -4.32 -28.16
CA ASN C 18 3.52 -4.30 -28.17
C ASN C 18 4.09 -4.11 -26.75
N HIS C 19 3.47 -4.74 -25.76
CA HIS C 19 3.89 -4.59 -24.36
C HIS C 19 5.17 -5.38 -24.06
N GLY C 25 2.91 -12.84 -16.34
CA GLY C 25 3.61 -13.75 -15.42
C GLY C 25 4.08 -13.07 -14.14
N ASP C 26 4.31 -11.77 -14.21
CA ASP C 26 4.76 -10.99 -13.06
C ASP C 26 3.58 -10.53 -12.20
N SER C 27 3.87 -10.27 -10.93
CA SER C 27 2.87 -9.77 -9.99
C SER C 27 2.45 -8.33 -10.26
N GLY C 28 3.23 -7.63 -11.07
CA GLY C 28 2.91 -6.26 -11.45
C GLY C 28 2.89 -6.12 -12.96
N LEU C 29 1.85 -5.48 -13.48
CA LEU C 29 1.76 -5.16 -14.89
C LEU C 29 2.12 -3.69 -15.08
N ASP C 30 3.26 -3.44 -15.74
CA ASP C 30 3.73 -2.08 -15.98
C ASP C 30 2.76 -1.31 -16.86
N LEU C 31 2.52 -0.06 -16.49
CA LEU C 31 1.69 0.85 -17.27
C LEU C 31 2.59 1.91 -17.91
N PHE C 32 2.20 2.35 -19.09
CA PHE C 32 2.97 3.34 -19.84
C PHE C 32 2.53 4.76 -19.51
N ILE C 33 3.50 5.68 -19.49
CA ILE C 33 3.21 7.08 -19.72
C ILE C 33 2.87 7.15 -21.22
N VAL C 34 1.78 7.83 -21.57
CA VAL C 34 1.26 7.75 -22.94
C VAL C 34 1.48 9.02 -23.80
N LYS C 35 2.04 10.05 -23.18
CA LYS C 35 2.22 11.35 -23.84
C LYS C 35 3.34 12.10 -23.13
N ASP C 36 4.21 12.73 -23.92
CA ASP C 36 5.25 13.60 -23.37
C ASP C 36 4.57 14.69 -22.55
N GLU C 37 5.10 14.97 -21.38
CA GLU C 37 4.49 15.94 -20.48
C GLU C 37 5.52 16.55 -19.55
N VAL C 38 5.38 17.85 -19.31
CA VAL C 38 6.25 18.57 -18.39
C VAL C 38 5.56 18.68 -17.03
N LEU C 39 6.20 18.14 -16.00
CA LEU C 39 5.70 18.27 -14.64
C LEU C 39 6.38 19.47 -13.98
N LYS C 40 5.61 20.43 -13.53
CA LYS C 40 6.15 21.65 -12.91
C LYS C 40 6.96 21.33 -11.65
N PRO C 41 7.97 22.18 -11.30
CA PRO C 41 8.71 21.95 -10.05
C PRO C 41 7.77 22.02 -8.84
N LYS C 42 8.06 21.24 -7.81
CA LYS C 42 7.31 21.24 -6.55
C LYS C 42 5.80 21.23 -6.81
N SER C 43 5.35 20.16 -7.44
CA SER C 43 3.98 20.05 -7.90
C SER C 43 3.43 18.66 -7.69
N THR C 44 2.11 18.54 -7.78
CA THR C 44 1.44 17.27 -7.92
C THR C 44 0.67 17.35 -9.23
N THR C 45 0.87 16.36 -10.08
CA THR C 45 0.21 16.32 -11.38
C THR C 45 -0.58 15.04 -11.49
N PHE C 46 -1.85 15.16 -11.88
CA PHE C 46 -2.70 14.01 -12.13
C PHE C 46 -2.42 13.56 -13.56
N VAL C 47 -1.55 12.57 -13.69
CA VAL C 47 -1.09 12.12 -15.00
C VAL C 47 -2.04 11.06 -15.53
N LYS C 48 -2.64 11.35 -16.68
CA LYS C 48 -3.65 10.48 -17.26
C LYS C 48 -2.95 9.35 -18.03
N LEU C 49 -3.33 8.12 -17.72
CA LEU C 49 -2.64 6.93 -18.26
C LEU C 49 -3.30 6.36 -19.54
N GLY C 50 -4.35 7.04 -20.01
CA GLY C 50 -5.02 6.70 -21.28
C GLY C 50 -5.68 5.34 -21.34
N ILE C 51 -5.95 4.74 -20.19
CA ILE C 51 -6.65 3.46 -20.10
C ILE C 51 -7.74 3.46 -19.04
N LYS C 52 -8.70 2.56 -19.24
CA LYS C 52 -9.66 2.15 -18.23
C LYS C 52 -9.49 0.64 -18.09
N ALA C 53 -9.75 0.09 -16.91
CA ALA C 53 -9.52 -1.32 -16.68
C ALA C 53 -10.37 -1.88 -15.56
N ILE C 54 -10.87 -3.09 -15.78
CA ILE C 54 -11.55 -3.87 -14.75
C ILE C 54 -10.70 -5.10 -14.50
N ALA C 55 -10.60 -5.50 -13.24
CA ALA C 55 -9.84 -6.68 -12.84
C ALA C 55 -10.79 -7.84 -12.56
N LEU C 56 -10.40 -9.03 -12.99
CA LEU C 56 -11.22 -10.23 -12.78
C LEU C 56 -10.45 -11.29 -11.99
N GLN C 57 -11.12 -11.86 -10.99
CA GLN C 57 -10.58 -12.98 -10.20
C GLN C 57 -11.68 -14.02 -9.98
N TYR C 58 -11.28 -15.21 -9.58
CA TYR C 58 -12.24 -16.21 -9.11
C TYR C 58 -12.94 -15.65 -7.88
N LYS C 59 -14.25 -15.86 -7.80
CA LYS C 59 -15.03 -15.45 -6.65
C LYS C 59 -14.51 -16.14 -5.40
N SER C 60 -14.49 -15.39 -4.30
CA SER C 60 -14.09 -15.92 -3.01
CA SER C 60 -14.07 -15.91 -3.01
C SER C 60 -15.09 -15.47 -1.96
N ASN C 61 -15.35 -16.35 -0.98
CA ASN C 61 -16.22 -16.01 0.14
CA ASN C 61 -16.23 -16.00 0.13
C ASN C 61 -15.53 -15.02 1.07
N TYR C 62 -16.27 -13.99 1.48
CA TYR C 62 -15.73 -12.96 2.35
C TYR C 62 -16.72 -12.55 3.42
N TYR C 63 -16.19 -12.28 4.61
CA TYR C 63 -17.01 -11.90 5.75
C TYR C 63 -17.47 -10.45 5.66
N TYR C 64 -18.78 -10.24 5.74
CA TYR C 64 -19.39 -8.93 5.54
C TYR C 64 -20.76 -8.90 6.21
N LYS C 65 -21.01 -7.85 6.99
CA LYS C 65 -22.29 -7.72 7.71
C LYS C 65 -23.19 -6.65 7.09
N ASN C 80 -15.99 -19.59 -11.41
CA ASN C 80 -16.79 -18.39 -11.60
C ASN C 80 -16.00 -17.13 -11.27
N ILE C 81 -16.06 -16.16 -12.17
CA ILE C 81 -15.20 -14.98 -12.12
C ILE C 81 -15.97 -13.69 -11.84
N VAL C 82 -15.37 -12.82 -11.03
CA VAL C 82 -16.01 -11.56 -10.59
C VAL C 82 -15.08 -10.35 -10.77
N ASN C 83 -15.68 -9.17 -10.86
CA ASN C 83 -14.94 -7.91 -10.81
C ASN C 83 -14.33 -7.75 -9.43
N THR C 84 -13.07 -7.30 -9.40
CA THR C 84 -12.38 -7.13 -8.13
CA THR C 84 -12.37 -7.14 -8.14
C THR C 84 -11.64 -5.81 -8.08
N SER C 85 -11.38 -5.36 -6.86
CA SER C 85 -10.53 -4.22 -6.60
CA SER C 85 -10.53 -4.20 -6.62
C SER C 85 -9.08 -4.58 -6.91
N PHE C 86 -8.26 -3.56 -7.18
CA PHE C 86 -6.84 -3.79 -7.40
C PHE C 86 -6.06 -2.55 -7.05
N LEU C 87 -4.75 -2.62 -7.25
CA LEU C 87 -3.83 -1.61 -6.73
C LEU C 87 -2.93 -1.01 -7.79
N LEU C 88 -2.60 0.27 -7.62
CA LEU C 88 -1.62 0.98 -8.43
C LEU C 88 -0.37 1.25 -7.60
N PHE C 89 0.73 0.58 -7.92
CA PHE C 89 2.00 0.71 -7.19
C PHE C 89 2.98 1.53 -8.01
N PRO C 90 3.86 2.31 -7.35
CA PRO C 90 5.00 2.82 -8.10
C PRO C 90 5.86 1.63 -8.54
N ARG C 91 6.60 1.78 -9.65
CA ARG C 91 7.64 0.80 -9.97
C ARG C 91 8.86 1.14 -9.12
N SER C 92 9.70 0.15 -8.81
CA SER C 92 10.90 0.41 -8.02
C SER C 92 11.82 1.45 -8.67
N SER C 93 11.89 1.43 -10.00
CA SER C 93 12.70 2.40 -10.76
C SER C 93 12.24 3.87 -10.62
N ILE C 94 11.05 4.12 -10.10
CA ILE C 94 10.64 5.51 -9.80
C ILE C 94 11.59 6.17 -8.80
N SER C 95 12.22 5.34 -7.96
CA SER C 95 13.08 5.80 -6.87
C SER C 95 14.29 6.62 -7.33
N LYS C 96 14.81 6.33 -8.51
CA LYS C 96 15.94 7.11 -9.04
C LYS C 96 15.52 8.50 -9.55
N THR C 97 14.23 8.68 -9.80
CA THR C 97 13.67 9.97 -10.20
C THR C 97 13.29 10.79 -8.95
N PRO C 98 12.96 12.08 -9.11
CA PRO C 98 12.35 12.86 -8.03
C PRO C 98 10.83 12.70 -7.92
N LEU C 99 10.24 11.80 -8.71
CA LEU C 99 8.78 11.60 -8.71
C LEU C 99 8.33 10.58 -7.68
N ARG C 100 7.29 10.92 -6.94
CA ARG C 100 6.77 10.07 -5.87
C ARG C 100 5.24 9.99 -6.01
N LEU C 101 4.68 8.84 -5.70
CA LEU C 101 3.22 8.65 -5.84
C LEU C 101 2.55 9.32 -4.64
N ALA C 102 1.77 10.37 -4.93
CA ALA C 102 1.20 11.26 -3.90
C ALA C 102 0.41 10.48 -2.85
N ASN C 103 -0.40 9.53 -3.32
CA ASN C 103 -1.31 8.79 -2.45
C ASN C 103 -0.76 7.43 -1.99
N SER C 104 0.56 7.28 -2.13
CA SER C 104 1.37 6.11 -1.71
C SER C 104 1.15 4.90 -2.61
N ILE C 105 -0.04 4.31 -2.50
CA ILE C 105 -0.50 3.19 -3.33
C ILE C 105 -1.95 3.53 -3.68
N GLY C 106 -2.27 3.42 -4.96
CA GLY C 106 -3.63 3.70 -5.42
C GLY C 106 -4.57 2.51 -5.23
N LEU C 107 -5.80 2.80 -4.83
CA LEU C 107 -6.82 1.77 -4.66
C LEU C 107 -7.88 1.95 -5.72
N ILE C 108 -8.06 0.92 -6.54
CA ILE C 108 -9.10 1.00 -7.57
C ILE C 108 -10.16 -0.01 -7.20
N ASP C 109 -11.36 0.50 -6.88
CA ASP C 109 -12.44 -0.36 -6.44
C ASP C 109 -13.01 -1.20 -7.56
N ALA C 110 -13.54 -2.37 -7.19
CA ALA C 110 -14.16 -3.30 -8.11
C ALA C 110 -15.12 -2.56 -9.02
N GLY C 111 -14.95 -2.75 -10.31
CA GLY C 111 -15.83 -2.18 -11.31
C GLY C 111 -15.67 -0.69 -11.64
N TYR C 112 -14.68 -0.02 -11.03
CA TYR C 112 -14.40 1.39 -11.35
C TYR C 112 -14.20 1.56 -12.85
N ARG C 113 -14.84 2.57 -13.43
CA ARG C 113 -14.87 2.75 -14.89
C ARG C 113 -14.16 4.01 -15.40
N GLY C 114 -13.57 4.79 -14.50
CA GLY C 114 -12.89 6.01 -14.91
C GLY C 114 -11.50 5.73 -15.45
N GLU C 115 -10.92 6.71 -16.11
CA GLU C 115 -9.55 6.61 -16.61
C GLU C 115 -8.59 6.46 -15.43
N ILE C 116 -7.62 5.55 -15.55
CA ILE C 116 -6.63 5.34 -14.49
C ILE C 116 -5.63 6.51 -14.50
N ILE C 117 -5.44 7.11 -13.33
CA ILE C 117 -4.57 8.28 -13.15
C ILE C 117 -3.47 7.99 -12.12
N ALA C 118 -2.27 8.51 -12.39
CA ALA C 118 -1.18 8.46 -11.43
C ALA C 118 -0.91 9.89 -10.94
N ALA C 119 -1.15 10.12 -9.65
CA ALA C 119 -0.90 11.42 -9.04
C ALA C 119 0.57 11.45 -8.63
N LEU C 120 1.36 12.18 -9.42
CA LEU C 120 2.82 12.20 -9.26
C LEU C 120 3.32 13.51 -8.66
N ASP C 121 3.99 13.41 -7.50
CA ASP C 121 4.65 14.55 -6.90
C ASP C 121 6.01 14.73 -7.58
N ASN C 122 6.24 15.93 -8.13
CA ASN C 122 7.59 16.29 -8.53
C ASN C 122 8.26 17.00 -7.36
N THR C 123 9.12 16.25 -6.66
CA THR C 123 9.79 16.75 -5.45
C THR C 123 11.01 17.65 -5.75
N SER C 124 11.36 17.75 -7.03
CA SER C 124 12.50 18.54 -7.49
C SER C 124 12.10 20.02 -7.63
N ASP C 125 13.12 20.89 -7.64
CA ASP C 125 12.92 22.33 -7.85
CA ASP C 125 12.90 22.33 -7.85
C ASP C 125 13.03 22.68 -9.34
N GLN C 126 13.20 21.66 -10.17
CA GLN C 126 13.24 21.80 -11.62
C GLN C 126 12.02 21.10 -12.23
N GLU C 127 11.55 21.59 -13.38
CA GLU C 127 10.54 20.85 -14.13
C GLU C 127 11.07 19.47 -14.51
N TYR C 128 10.15 18.50 -14.59
CA TYR C 128 10.48 17.14 -14.95
C TYR C 128 9.75 16.70 -16.21
N HIS C 129 10.52 16.23 -17.19
CA HIS C 129 9.96 15.77 -18.46
C HIS C 129 9.68 14.28 -18.40
N ILE C 130 8.40 13.91 -18.34
CA ILE C 130 8.03 12.52 -18.56
C ILE C 130 7.78 12.30 -20.06
N LYS C 131 8.06 11.07 -20.51
CA LYS C 131 8.02 10.75 -21.93
C LYS C 131 7.09 9.60 -22.24
N LYS C 132 6.43 9.68 -23.39
CA LYS C 132 5.71 8.54 -23.92
C LYS C 132 6.63 7.31 -23.88
N ASN C 133 6.08 6.19 -23.45
CA ASN C 133 6.82 4.92 -23.26
C ASN C 133 7.54 4.79 -21.91
N ASP C 134 7.64 5.87 -21.14
CA ASP C 134 8.15 5.75 -19.77
C ASP C 134 7.25 4.80 -19.00
N LYS C 135 7.83 4.07 -18.04
CA LYS C 135 7.08 3.19 -17.17
C LYS C 135 7.43 3.49 -15.71
N LEU C 136 6.49 4.11 -15.01
CA LEU C 136 6.71 4.61 -13.66
C LEU C 136 5.82 3.92 -12.61
N VAL C 137 4.70 3.35 -13.07
CA VAL C 137 3.74 2.68 -12.19
C VAL C 137 3.32 1.33 -12.77
N GLN C 138 2.65 0.53 -11.94
CA GLN C 138 2.22 -0.83 -12.29
C GLN C 138 0.94 -1.20 -11.56
N LEU C 139 0.13 -2.06 -12.17
CA LEU C 139 -1.04 -2.64 -11.50
C LEU C 139 -0.67 -3.93 -10.80
N VAL C 140 -1.27 -4.15 -9.64
CA VAL C 140 -0.96 -5.29 -8.78
C VAL C 140 -2.26 -5.85 -8.18
N SER C 141 -2.34 -7.16 -8.04
CA SER C 141 -3.47 -7.82 -7.38
C SER C 141 -3.29 -7.85 -5.88
N PHE C 142 -4.40 -7.77 -5.14
CA PHE C 142 -4.39 -7.95 -3.68
C PHE C 142 -3.83 -9.31 -3.24
N THR C 143 -3.87 -10.30 -4.13
CA THR C 143 -3.32 -11.63 -3.85
C THR C 143 -1.82 -11.73 -4.19
N GLY C 144 -1.32 -10.77 -4.96
CA GLY C 144 0.06 -10.81 -5.45
C GLY C 144 0.30 -11.87 -6.51
N GLU C 145 -0.79 -12.40 -7.07
CA GLU C 145 -0.73 -13.41 -8.13
C GLU C 145 -0.31 -12.80 -9.47
N PRO C 146 0.23 -13.62 -10.39
CA PRO C 146 0.54 -13.16 -11.74
C PRO C 146 -0.66 -12.48 -12.44
N LEU C 147 -0.36 -11.46 -13.23
CA LEU C 147 -1.37 -10.73 -13.99
C LEU C 147 -1.31 -11.01 -15.49
N SER C 148 -2.47 -11.29 -16.07
CA SER C 148 -2.63 -11.31 -17.51
C SER C 148 -3.58 -10.18 -17.90
N PHE C 149 -3.59 -9.79 -19.17
CA PHE C 149 -4.53 -8.80 -19.66
C PHE C 149 -4.95 -9.02 -21.11
N GLU C 150 -6.07 -8.42 -21.48
CA GLU C 150 -6.52 -8.37 -22.87
C GLU C 150 -7.05 -6.98 -23.16
N LEU C 151 -6.95 -6.57 -24.42
CA LEU C 151 -7.50 -5.30 -24.85
C LEU C 151 -8.95 -5.50 -25.28
N VAL C 152 -9.83 -4.68 -24.73
CA VAL C 152 -11.25 -4.68 -25.07
C VAL C 152 -11.68 -3.29 -25.51
N GLU C 153 -12.83 -3.19 -26.16
CA GLU C 153 -13.34 -1.88 -26.62
C GLU C 153 -14.24 -1.22 -25.60
N GLU C 154 -14.79 -2.02 -24.69
CA GLU C 154 -15.63 -1.50 -23.60
C GLU C 154 -15.54 -2.36 -22.35
N LEU C 155 -15.82 -1.75 -21.19
CA LEU C 155 -15.84 -2.47 -19.92
C LEU C 155 -17.22 -3.02 -19.63
N ASP C 156 -18.23 -2.34 -20.19
CA ASP C 156 -19.64 -2.72 -20.06
C ASP C 156 -20.48 -1.85 -21.00
N GLU C 157 -21.81 -1.95 -20.86
CA GLU C 157 -22.74 -1.28 -21.75
C GLU C 157 -22.87 0.23 -21.52
N THR C 158 -22.34 0.72 -20.39
CA THR C 158 -22.49 2.13 -20.03
C THR C 158 -21.50 3.03 -20.80
N SER C 159 -21.90 4.29 -20.96
CA SER C 159 -21.08 5.28 -21.63
C SER C 159 -19.74 5.46 -20.91
N ARG C 160 -19.78 5.41 -19.58
CA ARG C 160 -18.57 5.49 -18.75
C ARG C 160 -17.65 4.27 -18.93
N GLY C 161 -18.26 3.12 -19.20
CA GLY C 161 -17.51 1.92 -19.59
C GLY C 161 -17.06 1.90 -21.05
N GLU C 162 -17.35 2.98 -21.79
CA GLU C 162 -17.03 3.13 -23.24
C GLU C 162 -17.90 2.28 -24.16
N GLY C 163 -18.97 1.71 -23.62
CA GLY C 163 -19.86 0.85 -24.41
C GLY C 163 -21.18 1.48 -24.78
N GLY C 164 -22.09 0.63 -25.26
CA GLY C 164 -23.46 1.01 -25.57
C GLY C 164 -23.62 1.85 -26.83
N PHE C 165 -24.86 2.25 -27.10
CA PHE C 165 -25.22 3.01 -28.29
C PHE C 165 -24.65 4.44 -28.32
N GLY C 166 -24.19 4.89 -29.50
CA GLY C 166 -23.98 6.33 -29.76
C GLY C 166 -22.63 6.91 -29.35
N SER C 167 -22.40 8.21 -29.56
CA SER C 167 -23.35 9.16 -30.15
C SER C 167 -22.70 10.15 -31.13
N GLY D 1 11.47 20.36 10.05
CA GLY D 1 12.04 18.99 9.83
C GLY D 1 11.02 17.87 10.02
N HIS D 2 10.95 16.97 9.04
CA HIS D 2 10.07 15.81 9.12
C HIS D 2 10.61 14.78 10.11
N GLY D 3 9.69 14.13 10.82
CA GLY D 3 10.06 13.16 11.85
C GLY D 3 10.18 13.78 13.22
N1 DU4 E . -0.54 2.37 13.75
C2 DU4 E . -1.38 3.45 13.44
O2 DU4 E . -2.18 3.90 14.27
N3 DU4 E . -1.31 4.02 12.17
C4 DU4 E . -0.41 3.53 11.21
O4 DU4 E . -0.39 4.08 10.12
C5 DU4 E . 0.43 2.47 11.51
C6 DU4 E . 0.37 1.88 12.78
C1' DU4 E . -0.62 1.80 15.13
C17 DU4 E . 3.15 5.43 16.35
C18 DU4 E . 3.14 6.80 17.08
C19 DU4 E . 4.32 7.55 17.10
C2' DU4 E . 0.05 0.45 15.37
C20 DU4 E . 4.37 8.78 17.74
C21 DU4 E . 3.23 9.27 18.36
C22 DU4 E . 2.05 8.54 18.35
C23 DU4 E . 2.01 7.30 17.70
C24 DU4 E . 2.64 5.64 14.91
C25 DU4 E . 3.56 5.68 13.87
C26 DU4 E . 3.15 5.87 12.55
C27 DU4 E . 1.79 6.03 12.26
C28 DU4 E . 0.86 6.00 13.31
C29 DU4 E . 1.27 5.81 14.62
C3' DU4 E . 1.42 0.79 15.90
O3' DU4 E . 1.77 -0.18 16.91
C4' DU4 E . 1.26 2.16 16.56
O4' DU4 E . 0.09 2.79 15.94
C41 DU4 E . 3.00 4.13 18.43
C5' DU4 E . 2.53 3.03 16.37
N5' DU4 E . 2.44 4.34 17.07
S SO4 F . -10.17 6.54 -2.99
O1 SO4 F . -10.04 7.17 -4.31
O2 SO4 F . -9.96 7.55 -1.95
O3 SO4 F . -11.53 6.03 -2.87
O4 SO4 F . -9.22 5.44 -2.84
N1 DU4 G . 13.29 -4.82 -4.86
C2 DU4 G . 13.89 -4.46 -3.64
O2 DU4 G . 14.92 -5.02 -3.25
N3 DU4 G . 13.29 -3.49 -2.84
C4 DU4 G . 12.11 -2.83 -3.26
O4 DU4 G . 11.61 -1.96 -2.55
C5 DU4 G . 11.52 -3.18 -4.48
C6 DU4 G . 12.10 -4.17 -5.28
C1' DU4 G . 13.94 -5.86 -5.71
C17 DU4 G . 16.72 -1.89 -8.03
C18 DU4 G . 18.20 -1.45 -7.85
C19 DU4 G . 18.81 -0.65 -8.84
C2' DU4 G . 13.11 -6.48 -6.80
C20 DU4 G . 20.13 -0.24 -8.70
C21 DU4 G . 20.86 -0.62 -7.57
C22 DU4 G . 20.26 -1.40 -6.57
C23 DU4 G . 18.94 -1.82 -6.71
C24 DU4 G . 15.90 -1.23 -6.89
C25 DU4 G . 15.32 0.02 -7.13
C26 DU4 G . 14.58 0.63 -6.13
C27 DU4 G . 14.41 0.02 -4.89
C28 DU4 G . 14.99 -1.21 -4.65
C29 DU4 G . 15.75 -1.84 -5.64
C3' DU4 G . 13.41 -5.63 -8.03
O3' DU4 G . 13.34 -6.46 -9.18
C4' DU4 G . 14.86 -5.19 -7.79
O4' DU4 G . 15.05 -5.17 -6.36
C41 DU4 G . 17.37 -3.86 -9.24
C5' DU4 G . 15.16 -3.77 -8.37
N5' DU4 G . 16.58 -3.36 -8.10
S SO4 H . 5.03 -1.62 12.58
O1 SO4 H . 6.38 -1.11 12.43
O2 SO4 H . 4.29 -0.77 13.51
O3 SO4 H . 4.34 -1.67 11.28
O4 SO4 H . 5.10 -2.98 13.12
S SO4 I . 25.08 18.43 8.33
O1 SO4 I . 24.88 19.86 8.45
O2 SO4 I . 24.57 17.77 9.53
O3 SO4 I . 24.39 17.91 7.15
O4 SO4 I . 26.51 18.15 8.20
S SO4 J . 27.32 -4.67 16.72
O1 SO4 J . 27.16 -3.34 16.13
O2 SO4 J . 27.54 -4.53 18.16
O3 SO4 J . 26.12 -5.46 16.48
O4 SO4 J . 28.48 -5.33 16.12
N1 DU4 K . -7.78 5.87 -8.84
C2 DU4 K . -6.76 6.12 -9.80
O2 DU4 K . -7.00 6.28 -11.00
N3 DU4 K . -5.45 6.19 -9.36
C4 DU4 K . -5.12 6.04 -8.01
O4 DU4 K . -3.93 6.10 -7.67
C5 DU4 K . -6.12 5.79 -7.06
C6 DU4 K . -7.45 5.71 -7.49
C1' DU4 K . -9.19 5.82 -9.30
C17 DU4 K . -9.33 11.12 -8.55
C18 DU4 K . -9.35 12.27 -9.59
C19 DU4 K . -9.83 13.53 -9.19
C2' DU4 K . -10.23 5.20 -8.36
C20 DU4 K . -9.88 14.58 -10.11
C21 DU4 K . -9.43 14.39 -11.41
C22 DU4 K . -8.95 13.15 -11.81
C23 DU4 K . -8.91 12.08 -10.90
C24 DU4 K . -7.85 10.72 -8.33
C25 DU4 K . -7.13 11.41 -7.35
C26 DU4 K . -5.78 11.11 -7.12
C27 DU4 K . -5.16 10.12 -7.87
C28 DU4 K . -5.87 9.45 -8.87
C29 DU4 K . -7.22 9.75 -9.11
C3' DU4 K . -10.75 6.38 -7.58
O3' DU4 K . -12.12 6.16 -7.23
C4' DU4 K . -10.64 7.55 -8.57
O4' DU4 K . -9.54 7.23 -9.45
C41 DU4 K . -11.59 10.45 -9.21
C5' DU4 K . -10.32 8.93 -7.90
N5' DU4 K . -10.21 9.98 -8.94
S SO4 L . 9.43 -3.33 -9.95
O1 SO4 L . 9.35 -2.17 -10.83
O2 SO4 L . 10.81 -3.54 -9.50
O3 SO4 L . 8.54 -3.16 -8.80
O4 SO4 L . 8.99 -4.51 -10.72
S SO4 M . -17.64 4.13 -11.46
O1 SO4 M . -16.97 4.59 -12.66
O2 SO4 M . -17.03 4.76 -10.29
O3 SO4 M . -19.06 4.50 -11.51
O4 SO4 M . -17.52 2.68 -11.35
#